data_5Z2T
#
_entry.id   5Z2T
#
_cell.length_a   51.610
_cell.length_b   51.610
_cell.length_c   166.550
_cell.angle_alpha   90.00
_cell.angle_beta   90.00
_cell.angle_gamma   90.00
#
_symmetry.space_group_name_H-M   'P 41 21 2'
#
loop_
_entity.id
_entity.type
_entity.pdbx_description
1 polymer 'Double homeobox protein 4'
2 polymer "5'-D(*TP*TP*CP*TP*AP*AP*TP*CP*TP*AP*AP*TP*CP*TP*T)-3'"
3 polymer "5'-D(P*AP*AP*GP*AP*TP*TP*AP*GP*AP*TP*TP*AP*GP*T)-3'"
4 water water
#
loop_
_entity_poly.entity_id
_entity_poly.type
_entity_poly.pdbx_seq_one_letter_code
_entity_poly.pdbx_strand_id
1 'polypeptide(L)' GSHMGRRKRTAVTGSQTALLLRAFEKDRFPGIAAREELARETGLPESRIQIWFQNRRARHPGQG C,D
2 'polydeoxyribonucleotide' (DT)(DT)(DC)(DT)(DA)(DA)(DT)(DC)(DT)(DA)(DA)(DT)(DC)(DT)(DT) E
3 'polydeoxyribonucleotide' (DA)(DA)(DG)(DA)(DT)(DT)(DA)(DG)(DA)(DT)(DT)(DA)(DG)(DT) F
#
loop_
_chem_comp.id
_chem_comp.type
_chem_comp.name
_chem_comp.formula
DA DNA linking 2'-DEOXYADENOSINE-5'-MONOPHOSPHATE 'C10 H14 N5 O6 P'
DC DNA linking 2'-DEOXYCYTIDINE-5'-MONOPHOSPHATE 'C9 H14 N3 O7 P'
DG DNA linking 2'-DEOXYGUANOSINE-5'-MONOPHOSPHATE 'C10 H14 N5 O7 P'
DT DNA linking THYMIDINE-5'-MONOPHOSPHATE 'C10 H15 N2 O8 P'
#
# COMPACT_ATOMS: atom_id res chain seq x y z
N ARG A 9 15.99 -5.26 0.89
CA ARG A 9 16.52 -6.59 0.62
C ARG A 9 16.11 -7.57 1.71
N THR A 10 14.83 -7.54 2.07
CA THR A 10 14.35 -8.27 3.26
C THR A 10 12.88 -8.63 3.09
N ALA A 11 12.59 -9.92 3.13
CA ALA A 11 11.23 -10.41 3.38
C ALA A 11 11.20 -11.03 4.77
N VAL A 12 10.13 -10.76 5.51
CA VAL A 12 10.00 -11.18 6.90
C VAL A 12 9.60 -12.64 7.00
N THR A 13 10.18 -13.34 7.96
CA THR A 13 9.80 -14.72 8.25
C THR A 13 8.49 -14.73 9.02
N GLY A 14 7.74 -15.84 8.89
CA GLY A 14 6.50 -15.97 9.64
C GLY A 14 6.70 -15.91 11.15
N SER A 15 7.89 -16.29 11.62
CA SER A 15 8.16 -16.29 13.05
C SER A 15 8.36 -14.88 13.57
N GLN A 16 9.18 -14.08 12.88
CA GLN A 16 9.26 -12.66 13.17
C GLN A 16 7.88 -12.02 13.19
N THR A 17 7.08 -12.28 12.15
CA THR A 17 5.71 -11.77 12.11
C THR A 17 4.91 -12.19 13.34
N ALA A 18 5.00 -13.47 13.73
CA ALA A 18 4.28 -13.93 14.90
C ALA A 18 4.78 -13.22 16.15
N LEU A 19 6.08 -12.95 16.18
CA LEU A 19 6.69 -12.32 17.34
C LEU A 19 6.30 -10.85 17.44
N LEU A 20 6.10 -10.19 16.30
CA LEU A 20 5.64 -8.81 16.30
C LEU A 20 4.16 -8.74 16.66
N LEU A 21 3.34 -9.63 16.08
CA LEU A 21 1.93 -9.68 16.44
C LEU A 21 1.73 -9.88 17.94
N ARG A 22 2.54 -10.74 18.55
CA ARG A 22 2.47 -10.91 19.99
C ARG A 22 2.78 -9.60 20.70
N ALA A 23 3.91 -8.97 20.36
CA ALA A 23 4.22 -7.68 20.97
C ALA A 23 3.14 -6.65 20.68
N PHE A 24 2.53 -6.71 19.48
CA PHE A 24 1.44 -5.81 19.15
C PHE A 24 0.26 -5.98 20.11
N GLU A 25 -0.31 -7.19 20.15
CA GLU A 25 -1.45 -7.46 21.02
C GLU A 25 -1.14 -7.11 22.47
N LYS A 26 0.13 -7.13 22.86
CA LYS A 26 0.50 -6.75 24.21
C LYS A 26 0.26 -5.27 24.46
N ASP A 27 0.93 -4.42 23.69
CA ASP A 27 0.76 -2.98 23.76
C ASP A 27 1.19 -2.42 22.41
N ARG A 28 0.26 -1.76 21.71
CA ARG A 28 0.48 -1.35 20.33
C ARG A 28 1.46 -0.20 20.18
N PHE A 29 1.94 0.40 21.27
CA PHE A 29 2.80 1.56 21.20
C PHE A 29 4.12 1.35 21.95
N PRO A 30 4.93 0.39 21.47
CA PRO A 30 6.23 0.15 22.13
C PRO A 30 7.14 1.37 22.01
N GLY A 31 7.53 1.91 23.15
CA GLY A 31 8.59 2.90 23.17
C GLY A 31 9.88 2.32 22.61
N ILE A 32 10.85 3.20 22.36
CA ILE A 32 12.10 2.77 21.75
C ILE A 32 12.76 1.70 22.62
N ALA A 33 12.36 1.58 23.88
CA ALA A 33 12.91 0.53 24.73
C ALA A 33 12.47 -0.83 24.22
N ALA A 34 11.16 -1.07 24.20
CA ALA A 34 10.62 -2.31 23.64
C ALA A 34 11.17 -2.59 22.24
N ARG A 35 11.23 -1.57 21.38
CA ARG A 35 11.56 -1.83 19.98
C ARG A 35 12.98 -2.32 19.80
N GLU A 36 13.96 -1.70 20.48
CA GLU A 36 15.33 -2.18 20.39
C GLU A 36 15.40 -3.65 20.78
N GLU A 37 14.81 -4.01 21.91
CA GLU A 37 14.69 -5.41 22.28
C GLU A 37 14.12 -6.21 21.11
N LEU A 38 12.96 -5.80 20.60
CA LEU A 38 12.31 -6.57 19.54
C LEU A 38 13.21 -6.65 18.30
N ALA A 39 14.09 -5.66 18.12
CA ALA A 39 15.07 -5.73 17.03
C ALA A 39 16.06 -6.84 17.28
N ARG A 40 16.53 -6.97 18.53
CA ARG A 40 17.45 -8.04 18.87
C ARG A 40 16.77 -9.39 18.78
N GLU A 41 15.55 -9.50 19.32
CA GLU A 41 14.82 -10.77 19.27
C GLU A 41 14.65 -11.26 17.84
N THR A 42 14.56 -10.35 16.86
CA THR A 42 14.21 -10.69 15.50
C THR A 42 15.39 -10.66 14.54
N GLY A 43 16.38 -9.82 14.79
CA GLY A 43 17.44 -9.63 13.83
C GLY A 43 17.03 -8.68 12.74
N LEU A 44 16.21 -7.69 13.07
CA LEU A 44 15.78 -6.66 12.13
C LEU A 44 16.22 -5.30 12.65
N PRO A 45 16.50 -4.34 11.75
CA PRO A 45 16.85 -3.01 12.23
C PRO A 45 15.69 -2.44 13.03
N GLU A 46 16.01 -1.62 14.02
CA GLU A 46 14.95 -0.99 14.78
C GLU A 46 14.09 -0.14 13.86
N SER A 47 14.72 0.61 12.95
CA SER A 47 14.00 1.44 12.00
C SER A 47 12.91 0.65 11.29
N ARG A 48 13.25 -0.57 10.85
CA ARG A 48 12.29 -1.37 10.11
C ARG A 48 11.15 -1.86 10.99
N ILE A 49 11.39 -2.02 12.30
CA ILE A 49 10.34 -2.45 13.21
C ILE A 49 9.35 -1.33 13.48
N GLN A 50 9.82 -0.09 13.67
CA GLN A 50 8.87 1.00 13.87
C GLN A 50 7.89 1.06 12.70
N ILE A 51 8.42 1.03 11.47
CA ILE A 51 7.58 1.04 10.29
C ILE A 51 6.50 -0.03 10.43
N TRP A 52 6.90 -1.23 10.86
CA TRP A 52 5.95 -2.32 10.97
C TRP A 52 4.81 -1.97 11.91
N PHE A 53 5.13 -1.34 13.05
CA PHE A 53 4.10 -0.94 14.01
C PHE A 53 3.26 0.22 13.48
N GLN A 54 3.87 1.13 12.71
CA GLN A 54 3.12 2.27 12.19
C GLN A 54 2.11 1.81 11.15
N ASN A 55 2.53 0.92 10.25
CA ASN A 55 1.62 0.42 9.23
C ASN A 55 0.49 -0.37 9.86
N ARG A 56 0.80 -1.20 10.87
CA ARG A 56 -0.23 -2.09 11.41
C ARG A 56 -1.26 -1.32 12.20
N ARG A 57 -0.85 -0.25 12.90
CA ARG A 57 -1.82 0.62 13.55
C ARG A 57 -2.77 1.25 12.54
N ALA A 58 -2.31 1.46 11.32
CA ALA A 58 -3.11 2.13 10.30
C ALA A 58 -4.04 1.20 9.55
N ARG A 59 -3.75 -0.10 9.56
CA ARG A 59 -4.50 -1.07 8.76
C ARG A 59 -5.23 -2.10 9.62
N HIS A 60 -5.26 -1.90 10.94
CA HIS A 60 -5.92 -2.82 11.86
C HIS A 60 -6.11 -2.11 13.18
N PRO A 61 -7.03 -1.13 13.26
CA PRO A 61 -7.30 -0.44 14.52
C PRO A 61 -8.40 -1.11 15.34
N ARG D 9 -16.98 -7.10 -7.65
CA ARG D 9 -17.44 -6.50 -8.89
C ARG D 9 -16.24 -5.91 -9.64
N THR D 10 -16.20 -6.11 -10.97
CA THR D 10 -14.99 -5.84 -11.73
C THR D 10 -15.34 -5.53 -13.18
N ALA D 11 -14.54 -6.02 -14.14
CA ALA D 11 -14.97 -6.16 -15.52
C ALA D 11 -15.02 -4.83 -16.27
N VAL D 12 -13.87 -4.23 -16.53
CA VAL D 12 -13.86 -2.95 -17.25
C VAL D 12 -13.95 -3.26 -18.75
N THR D 13 -14.79 -2.50 -19.44
CA THR D 13 -15.00 -2.69 -20.87
C THR D 13 -13.84 -2.12 -21.68
N GLY D 14 -13.74 -2.59 -22.93
CA GLY D 14 -12.72 -2.09 -23.82
C GLY D 14 -12.78 -0.59 -24.03
N SER D 15 -13.97 0.00 -23.89
CA SER D 15 -14.09 1.44 -24.08
C SER D 15 -13.56 2.20 -22.86
N GLN D 16 -13.97 1.81 -21.66
CA GLN D 16 -13.37 2.35 -20.45
C GLN D 16 -11.85 2.26 -20.54
N THR D 17 -11.34 1.07 -20.87
CA THR D 17 -9.92 0.89 -21.07
C THR D 17 -9.37 1.90 -22.07
N ALA D 18 -10.13 2.18 -23.13
CA ALA D 18 -9.64 3.05 -24.20
C ALA D 18 -9.38 4.48 -23.73
N LEU D 19 -10.29 5.06 -22.96
CA LEU D 19 -10.14 6.46 -22.56
C LEU D 19 -9.13 6.64 -21.44
N LEU D 20 -8.97 5.64 -20.57
CA LEU D 20 -7.95 5.71 -19.53
C LEU D 20 -6.56 5.59 -20.13
N LEU D 21 -6.39 4.66 -21.07
CA LEU D 21 -5.13 4.51 -21.77
C LEU D 21 -4.69 5.83 -22.41
N ARG D 22 -5.63 6.56 -23.00
CA ARG D 22 -5.31 7.88 -23.52
C ARG D 22 -4.88 8.82 -22.41
N ALA D 23 -5.70 8.92 -21.36
CA ALA D 23 -5.36 9.78 -20.22
C ALA D 23 -4.05 9.35 -19.56
N PHE D 24 -3.72 8.07 -19.65
CA PHE D 24 -2.47 7.56 -19.10
C PHE D 24 -1.28 8.33 -19.61
N GLU D 25 -1.05 8.28 -20.92
CA GLU D 25 0.05 9.04 -21.52
C GLU D 25 -0.10 10.52 -21.24
N LYS D 26 -1.34 10.97 -21.05
CA LYS D 26 -1.61 12.37 -20.74
C LYS D 26 -1.08 12.73 -19.36
N ASP D 27 -1.36 11.90 -18.35
CA ASP D 27 -0.86 12.15 -17.00
C ASP D 27 -0.59 10.82 -16.32
N ARG D 28 0.69 10.52 -16.09
CA ARG D 28 1.09 9.23 -15.57
C ARG D 28 0.89 9.11 -14.06
N PHE D 29 0.74 10.23 -13.35
CA PHE D 29 0.59 10.24 -11.90
C PHE D 29 -0.60 11.12 -11.51
N PRO D 30 -1.81 10.73 -11.89
CA PRO D 30 -2.97 11.59 -11.61
C PRO D 30 -3.17 11.88 -10.13
N GLY D 31 -3.14 13.16 -9.79
CA GLY D 31 -3.56 13.61 -8.48
C GLY D 31 -5.01 13.25 -8.19
N ILE D 32 -5.40 13.47 -6.93
CA ILE D 32 -6.72 13.04 -6.49
C ILE D 32 -7.82 13.68 -7.34
N ALA D 33 -7.54 14.85 -7.91
CA ALA D 33 -8.50 15.51 -8.79
C ALA D 33 -8.60 14.82 -10.14
N ALA D 34 -7.47 14.70 -10.85
CA ALA D 34 -7.44 14.02 -12.14
C ALA D 34 -8.21 12.70 -12.07
N ARG D 35 -7.99 11.93 -11.01
CA ARG D 35 -8.68 10.66 -10.82
C ARG D 35 -10.16 10.85 -10.55
N GLU D 36 -10.49 11.81 -9.67
CA GLU D 36 -11.88 12.07 -9.33
C GLU D 36 -12.66 12.43 -10.60
N GLU D 37 -12.11 13.36 -11.38
CA GLU D 37 -12.62 13.65 -12.71
C GLU D 37 -12.79 12.37 -13.52
N LEU D 38 -11.73 11.57 -13.63
CA LEU D 38 -11.75 10.35 -14.42
C LEU D 38 -12.77 9.32 -13.93
N ALA D 39 -13.18 9.37 -12.66
CA ALA D 39 -14.23 8.46 -12.22
C ALA D 39 -15.56 8.77 -12.89
N ARG D 40 -15.87 10.05 -13.04
CA ARG D 40 -17.12 10.46 -13.69
C ARG D 40 -17.12 10.11 -15.18
N GLU D 41 -16.03 10.41 -15.88
CA GLU D 41 -15.95 10.12 -17.31
C GLU D 41 -16.15 8.63 -17.62
N THR D 42 -15.79 7.75 -16.69
CA THR D 42 -15.85 6.31 -16.93
C THR D 42 -16.97 5.61 -16.16
N GLY D 43 -17.34 6.12 -14.98
CA GLY D 43 -18.32 5.45 -14.14
C GLY D 43 -17.75 4.34 -13.28
N LEU D 44 -16.50 4.48 -12.86
CA LEU D 44 -15.79 3.61 -11.94
C LEU D 44 -15.37 4.41 -10.72
N PRO D 45 -15.36 3.82 -9.53
CA PRO D 45 -14.95 4.59 -8.37
C PRO D 45 -13.52 5.08 -8.53
N GLU D 46 -13.22 6.21 -7.89
CA GLU D 46 -11.86 6.72 -7.93
C GLU D 46 -10.88 5.67 -7.41
N SER D 47 -11.25 4.99 -6.34
CA SER D 47 -10.40 3.96 -5.77
C SER D 47 -9.96 2.97 -6.84
N ARG D 48 -10.91 2.52 -7.68
CA ARG D 48 -10.58 1.56 -8.72
C ARG D 48 -9.76 2.18 -9.85
N ILE D 49 -9.85 3.49 -10.05
CA ILE D 49 -8.99 4.13 -11.04
C ILE D 49 -7.56 4.15 -10.55
N GLN D 50 -7.35 4.49 -9.28
CA GLN D 50 -6.01 4.47 -8.71
C GLN D 50 -5.36 3.11 -8.84
N ILE D 51 -6.05 2.05 -8.41
CA ILE D 51 -5.52 0.69 -8.58
C ILE D 51 -5.14 0.46 -10.03
N TRP D 52 -6.00 0.87 -10.95
CA TRP D 52 -5.72 0.65 -12.37
C TRP D 52 -4.43 1.32 -12.79
N PHE D 53 -4.20 2.56 -12.33
CA PHE D 53 -2.98 3.26 -12.72
C PHE D 53 -1.76 2.71 -12.00
N GLN D 54 -1.88 2.35 -10.72
CA GLN D 54 -0.72 1.84 -10.01
C GLN D 54 -0.36 0.43 -10.51
N ASN D 55 -1.36 -0.39 -10.85
CA ASN D 55 -1.05 -1.70 -11.45
C ASN D 55 -0.34 -1.53 -12.78
N ARG D 56 -0.82 -0.60 -13.62
CA ARG D 56 -0.28 -0.42 -14.96
C ARG D 56 1.07 0.29 -14.94
N ARG D 57 1.31 1.15 -13.95
CA ARG D 57 2.65 1.72 -13.79
C ARG D 57 3.68 0.63 -13.57
N ALA D 58 3.28 -0.47 -12.92
CA ALA D 58 4.19 -1.57 -12.62
C ALA D 58 4.26 -2.60 -13.74
N ARG D 59 3.26 -2.67 -14.62
CA ARG D 59 3.22 -3.68 -15.66
C ARG D 59 3.35 -3.11 -17.06
N HIS D 60 3.57 -1.81 -17.20
CA HIS D 60 3.73 -1.25 -18.54
C HIS D 60 4.18 0.21 -18.55
N PRO D 61 5.44 0.51 -18.26
CA PRO D 61 5.91 1.88 -18.41
C PRO D 61 6.35 2.16 -19.84
N GLY D 62 6.33 3.43 -20.20
CA GLY D 62 6.64 3.86 -21.56
C GLY D 62 5.41 3.88 -22.44
#